data_5C8Z
#
_entry.id   5C8Z
#
_cell.length_a   74.900
_cell.length_b   89.590
_cell.length_c   113.790
_cell.angle_alpha   90.00
_cell.angle_beta   90.00
_cell.angle_gamma   90.00
#
_symmetry.space_group_name_H-M   'P 21 21 21'
#
loop_
_entity.id
_entity.type
_entity.pdbx_description
1 polymer 'Zearalenone hydrolase'
2 non-polymer '2,4-dihydroxy-6-[(1E,10S)-10-hydroxy-6-oxoundec-1-en-1-yl]benzoic acid'
3 non-polymer GLYCEROL
4 non-polymer 'FORMIC ACID'
5 non-polymer 'POTASSIUM ION'
6 water water
#
_entity_poly.entity_id   1
_entity_poly.type   'polypeptide(L)'
_entity_poly.pdbx_seq_one_letter_code
;MRTRSTISTPNGITWYYEQEGTGPDIVLVPDGLGECQMFDSSVSQIAAQGFRVTTFDMPGMSRSAKAPAETYTEVTAQKL
ASYVISILDALDIKHATVWGCSSGASTVVALLLGYPDRIRNAMCHELPTKLLDHLSNTAVLEDEEISNILANVMLNDVSG
GSEAWQALGVEVHARLHKNYPVWARGYPRTIPPSAPVQDVEALRGKPLDWTVGAATPTESFFDNIVTATKAGVNIGLLPG
MHFPYVSHPDVFAKYVVETTQKHLWNSSSVDKLAAALEHHHHHH
;
_entity_poly.pdbx_strand_id   A,B
#
loop_
_chem_comp.id
_chem_comp.type
_chem_comp.name
_chem_comp.formula
FMT non-polymer 'FORMIC ACID' 'C H2 O2'
GOL non-polymer GLYCEROL 'C3 H8 O3'
K non-polymer 'POTASSIUM ION' 'K 1'
ZGR non-polymer '2,4-dihydroxy-6-[(1E,10S)-10-hydroxy-6-oxoundec-1-en-1-yl]benzoic acid' 'C18 H24 O6'
#
# COMPACT_ATOMS: atom_id res chain seq x y z
N ARG A 2 -14.51 -32.99 10.77
CA ARG A 2 -13.62 -32.10 11.55
C ARG A 2 -13.31 -32.70 12.91
N THR A 3 -12.04 -32.94 13.18
CA THR A 3 -11.60 -33.33 14.52
C THR A 3 -11.38 -32.06 15.33
N ARG A 4 -11.95 -32.03 16.53
CA ARG A 4 -11.78 -30.92 17.46
C ARG A 4 -11.31 -31.53 18.77
N SER A 5 -10.08 -31.23 19.17
CA SER A 5 -9.51 -31.96 20.30
C SER A 5 -8.44 -31.14 20.99
N THR A 6 -7.71 -31.77 21.91
CA THR A 6 -6.63 -31.08 22.60
C THR A 6 -5.41 -31.95 22.64
N ILE A 7 -4.25 -31.34 22.81
CA ILE A 7 -3.01 -32.09 22.90
C ILE A 7 -2.02 -31.30 23.75
N SER A 8 -1.28 -32.00 24.60
CA SER A 8 -0.36 -31.36 25.54
C SER A 8 1.08 -31.55 25.12
N THR A 9 1.82 -30.45 25.02
CA THR A 9 3.22 -30.51 24.62
C THR A 9 4.11 -30.27 25.84
N PRO A 10 5.34 -30.80 25.82
CA PRO A 10 6.16 -30.79 27.05
C PRO A 10 6.68 -29.42 27.47
N ASN A 11 6.44 -28.39 26.66
CA ASN A 11 6.69 -27.02 27.07
C ASN A 11 5.58 -26.45 27.97
N GLY A 12 4.63 -27.30 28.34
CA GLY A 12 3.62 -26.90 29.30
C GLY A 12 2.30 -26.43 28.74
N ILE A 13 2.20 -26.41 27.40
CA ILE A 13 1.01 -25.92 26.73
C ILE A 13 0.02 -27.06 26.49
N THR A 14 -1.23 -26.83 26.85
CA THR A 14 -2.31 -27.70 26.38
C THR A 14 -3.07 -26.96 25.29
N TRP A 15 -2.94 -27.46 24.08
CA TRP A 15 -3.46 -26.81 22.89
C TRP A 15 -4.86 -27.27 22.57
N TYR A 16 -5.72 -26.34 22.16
CA TYR A 16 -6.93 -26.71 21.43
C TYR A 16 -6.59 -26.68 19.95
N TYR A 17 -6.92 -27.75 19.22
CA TYR A 17 -6.64 -27.79 17.78
C TYR A 17 -7.77 -28.44 17.01
N GLU A 18 -7.78 -28.19 15.71
CA GLU A 18 -8.75 -28.79 14.82
C GLU A 18 -8.02 -29.34 13.62
N GLN A 19 -8.57 -30.39 13.04
CA GLN A 19 -7.96 -31.00 11.86
C GLN A 19 -9.05 -31.50 10.95
N GLU A 20 -8.86 -31.34 9.64
CA GLU A 20 -9.81 -31.89 8.69
C GLU A 20 -9.09 -32.28 7.42
N GLY A 21 -9.48 -33.41 6.83
CA GLY A 21 -8.93 -33.79 5.54
C GLY A 21 -7.79 -34.79 5.56
N THR A 22 -7.45 -35.25 4.36
N THR A 22 -7.45 -35.29 4.38
CA THR A 22 -6.37 -36.20 4.13
CA THR A 22 -6.30 -36.15 4.21
C THR A 22 -5.51 -35.71 2.96
C THR A 22 -5.51 -35.69 3.00
N GLY A 23 -4.19 -35.78 3.10
CA GLY A 23 -3.32 -35.34 2.03
C GLY A 23 -2.15 -34.57 2.63
N PRO A 24 -1.39 -33.85 1.78
CA PRO A 24 -0.28 -33.02 2.25
C PRO A 24 -0.75 -32.06 3.35
N ASP A 25 0.10 -31.81 4.34
CA ASP A 25 -0.31 -30.99 5.47
C ASP A 25 -0.22 -29.51 5.18
N ILE A 26 -1.31 -28.83 5.52
CA ILE A 26 -1.39 -27.37 5.52
C ILE A 26 -1.75 -26.94 6.93
N VAL A 27 -1.01 -25.98 7.48
CA VAL A 27 -1.20 -25.54 8.85
C VAL A 27 -1.51 -24.05 8.85
N LEU A 28 -2.61 -23.69 9.49
CA LEU A 28 -3.05 -22.29 9.52
C LEU A 28 -2.77 -21.71 10.90
N VAL A 29 -1.78 -20.84 10.98
CA VAL A 29 -1.40 -20.21 12.23
C VAL A 29 -2.19 -18.92 12.43
N PRO A 30 -2.90 -18.78 13.57
CA PRO A 30 -3.64 -17.52 13.79
C PRO A 30 -2.76 -16.29 13.88
N ASP A 31 -3.42 -15.16 13.67
CA ASP A 31 -2.87 -13.85 14.02
C ASP A 31 -2.72 -13.74 15.53
N GLY A 32 -2.33 -12.55 16.00
CA GLY A 32 -2.06 -12.35 17.42
C GLY A 32 -3.20 -12.67 18.36
N LEU A 33 -4.45 -12.54 17.88
CA LEU A 33 -5.59 -12.82 18.73
C LEU A 33 -5.74 -14.31 19.01
N GLY A 34 -5.06 -15.14 18.22
CA GLY A 34 -4.88 -16.55 18.57
C GLY A 34 -6.12 -17.43 18.48
N GLU A 35 -7.09 -17.01 17.67
CA GLU A 35 -8.41 -17.64 17.66
C GLU A 35 -8.66 -18.38 16.36
N CYS A 36 -8.62 -19.71 16.41
CA CYS A 36 -8.65 -20.45 15.14
C CYS A 36 -10.05 -20.65 14.54
N GLN A 37 -11.11 -20.24 15.22
N GLN A 37 -11.11 -20.25 15.23
CA GLN A 37 -12.44 -20.37 14.61
CA GLN A 37 -12.44 -20.34 14.63
C GLN A 37 -12.56 -19.37 13.45
C GLN A 37 -12.54 -19.39 13.43
N MET A 38 -11.64 -18.41 13.38
CA MET A 38 -11.60 -17.50 12.22
C MET A 38 -11.30 -18.25 10.91
N PHE A 39 -10.74 -19.45 11.01
CA PHE A 39 -10.46 -20.27 9.84
C PHE A 39 -11.53 -21.28 9.49
N ASP A 40 -12.63 -21.31 10.24
CA ASP A 40 -13.62 -22.39 10.13
C ASP A 40 -14.07 -22.67 8.70
N SER A 41 -14.55 -21.64 8.01
CA SER A 41 -15.01 -21.84 6.63
C SER A 41 -13.90 -22.32 5.70
N SER A 42 -12.74 -21.69 5.83
N SER A 42 -12.74 -21.70 5.82
CA SER A 42 -11.66 -21.98 4.90
CA SER A 42 -11.65 -21.97 4.89
C SER A 42 -11.03 -23.35 5.13
C SER A 42 -11.04 -23.36 5.12
N VAL A 43 -11.03 -23.83 6.36
CA VAL A 43 -10.49 -25.17 6.67
C VAL A 43 -11.21 -26.24 5.84
N SER A 44 -12.53 -26.16 5.80
CA SER A 44 -13.30 -27.14 5.03
C SER A 44 -13.06 -27.02 3.54
N GLN A 45 -12.96 -25.78 3.05
CA GLN A 45 -12.77 -25.55 1.61
C GLN A 45 -11.39 -26.05 1.17
N ILE A 46 -10.38 -25.78 1.99
CA ILE A 46 -9.03 -26.22 1.68
C ILE A 46 -8.92 -27.75 1.76
N ALA A 47 -9.46 -28.33 2.83
CA ALA A 47 -9.40 -29.78 3.02
C ALA A 47 -10.05 -30.54 1.86
N ALA A 48 -11.13 -29.97 1.31
CA ALA A 48 -11.88 -30.64 0.25
C ALA A 48 -11.05 -30.77 -1.03
N GLN A 49 -9.97 -30.03 -1.14
CA GLN A 49 -9.12 -30.10 -2.32
C GLN A 49 -7.99 -31.12 -2.17
N GLY A 50 -8.05 -31.93 -1.12
CA GLY A 50 -7.13 -33.03 -0.93
C GLY A 50 -5.95 -32.71 -0.04
N PHE A 51 -6.21 -31.99 1.05
CA PHE A 51 -5.16 -31.64 2.01
C PHE A 51 -5.60 -31.98 3.41
N ARG A 52 -4.66 -32.31 4.29
CA ARG A 52 -4.94 -32.36 5.71
C ARG A 52 -4.64 -30.99 6.30
N VAL A 53 -5.68 -30.33 6.83
CA VAL A 53 -5.55 -28.97 7.33
C VAL A 53 -5.60 -29.00 8.84
N THR A 54 -4.62 -28.36 9.47
CA THR A 54 -4.57 -28.28 10.93
C THR A 54 -4.54 -26.83 11.36
N THR A 55 -5.28 -26.50 12.42
CA THR A 55 -5.17 -25.17 13.00
C THR A 55 -5.35 -25.31 14.50
N PHE A 56 -5.12 -24.23 15.24
CA PHE A 56 -5.11 -24.30 16.70
C PHE A 56 -5.22 -22.91 17.29
N ASP A 57 -5.74 -22.83 18.52
CA ASP A 57 -5.66 -21.58 19.25
C ASP A 57 -4.22 -21.42 19.75
N MET A 58 -3.74 -20.19 19.83
CA MET A 58 -2.40 -19.93 20.27
C MET A 58 -2.26 -19.92 21.79
N PRO A 59 -1.04 -20.12 22.29
CA PRO A 59 -0.85 -20.26 23.73
C PRO A 59 -1.33 -19.05 24.51
N GLY A 60 -2.11 -19.33 25.53
CA GLY A 60 -2.71 -18.32 26.35
C GLY A 60 -3.97 -17.68 25.82
N MET A 61 -4.39 -18.08 24.61
CA MET A 61 -5.52 -17.49 23.93
C MET A 61 -6.63 -18.50 23.75
N SER A 62 -7.85 -18.06 23.88
CA SER A 62 -8.99 -18.88 23.60
C SER A 62 -8.99 -20.20 24.33
N ARG A 63 -9.11 -21.27 23.58
CA ARG A 63 -9.15 -22.59 24.17
C ARG A 63 -7.77 -23.21 24.48
N SER A 64 -6.71 -22.49 24.14
CA SER A 64 -5.33 -22.86 24.44
C SER A 64 -4.78 -22.06 25.63
N ALA A 65 -5.67 -21.67 26.53
CA ALA A 65 -5.28 -20.81 27.64
C ALA A 65 -4.46 -21.53 28.72
N LYS A 66 -4.50 -22.86 28.75
CA LYS A 66 -3.72 -23.61 29.73
C LYS A 66 -2.28 -23.69 29.26
N ALA A 67 -1.51 -22.68 29.64
CA ALA A 67 -0.15 -22.52 29.16
C ALA A 67 0.66 -21.70 30.16
N PRO A 68 1.97 -21.94 30.25
CA PRO A 68 2.83 -21.17 31.15
C PRO A 68 2.91 -19.72 30.73
N ALA A 69 3.08 -18.82 31.69
CA ALA A 69 3.11 -17.40 31.41
C ALA A 69 4.16 -16.99 30.37
N GLU A 70 5.25 -17.74 30.33
N GLU A 70 5.27 -17.71 30.29
CA GLU A 70 6.34 -17.51 29.39
CA GLU A 70 6.31 -17.35 29.34
C GLU A 70 5.85 -17.52 27.94
C GLU A 70 5.83 -17.47 27.90
N THR A 71 4.81 -18.29 27.66
CA THR A 71 4.34 -18.48 26.30
C THR A 71 3.41 -17.38 25.78
N TYR A 72 2.93 -16.50 26.66
CA TYR A 72 2.06 -15.41 26.23
C TYR A 72 2.50 -14.06 26.80
N THR A 73 3.72 -14.01 27.33
CA THR A 73 4.33 -12.73 27.70
C THR A 73 5.68 -12.62 27.01
N GLU A 74 6.10 -11.38 26.73
CA GLU A 74 7.37 -11.13 26.03
C GLU A 74 7.46 -12.03 24.80
N VAL A 75 6.39 -12.02 24.02
CA VAL A 75 6.28 -12.96 22.91
C VAL A 75 7.08 -12.46 21.70
N THR A 76 7.80 -13.39 21.08
CA THR A 76 8.61 -13.11 19.89
C THR A 76 8.25 -14.12 18.81
N ALA A 77 8.63 -13.81 17.56
CA ALA A 77 8.46 -14.73 16.46
C ALA A 77 9.16 -16.07 16.72
N GLN A 78 10.33 -16.01 17.35
CA GLN A 78 11.13 -17.20 17.58
C GLN A 78 10.49 -18.07 18.66
N LYS A 79 9.94 -17.45 19.70
CA LYS A 79 9.17 -18.21 20.69
C LYS A 79 7.96 -18.88 20.05
N LEU A 80 7.16 -18.13 19.30
CA LEU A 80 5.98 -18.72 18.68
C LEU A 80 6.34 -19.86 17.72
N ALA A 81 7.42 -19.69 16.95
CA ALA A 81 7.84 -20.74 16.04
C ALA A 81 8.21 -22.02 16.81
N SER A 82 8.89 -21.85 17.94
CA SER A 82 9.22 -23.01 18.76
C SER A 82 7.95 -23.71 19.26
N TYR A 83 6.92 -22.93 19.59
CA TYR A 83 5.68 -23.55 20.07
C TYR A 83 4.96 -24.26 18.93
N VAL A 84 4.90 -23.66 17.75
CA VAL A 84 4.23 -24.31 16.64
C VAL A 84 4.93 -25.62 16.26
N ILE A 85 6.27 -25.63 16.26
CA ILE A 85 7.00 -26.88 15.98
C ILE A 85 6.62 -27.92 17.02
N SER A 86 6.41 -27.50 18.27
CA SER A 86 6.09 -28.49 19.30
C SER A 86 4.74 -29.16 19.03
N ILE A 87 3.74 -28.41 18.54
CA ILE A 87 2.46 -29.07 18.29
C ILE A 87 2.52 -29.89 16.99
N LEU A 88 3.29 -29.43 16.00
CA LEU A 88 3.47 -30.24 14.79
C LEU A 88 4.14 -31.56 15.14
N ASP A 89 5.13 -31.52 16.02
CA ASP A 89 5.76 -32.74 16.51
C ASP A 89 4.73 -33.66 17.17
N ALA A 90 3.91 -33.09 18.05
CA ALA A 90 2.95 -33.86 18.81
C ALA A 90 1.89 -34.52 17.92
N LEU A 91 1.57 -33.85 16.82
CA LEU A 91 0.57 -34.33 15.86
C LEU A 91 1.20 -35.16 14.75
N ASP A 92 2.51 -35.41 14.86
N ASP A 92 2.51 -35.40 14.86
CA ASP A 92 3.29 -36.16 13.86
CA ASP A 92 3.27 -36.17 13.87
C ASP A 92 3.11 -35.58 12.47
C ASP A 92 3.19 -35.58 12.47
N ILE A 93 3.22 -34.26 12.38
CA ILE A 93 3.21 -33.57 11.10
C ILE A 93 4.67 -33.26 10.74
N LYS A 94 5.20 -34.00 9.78
N LYS A 94 5.20 -34.02 9.79
CA LYS A 94 6.63 -33.94 9.47
CA LYS A 94 6.62 -33.92 9.46
C LYS A 94 7.00 -32.86 8.45
C LYS A 94 6.92 -32.76 8.53
N HIS A 95 6.11 -32.62 7.50
CA HIS A 95 6.35 -31.61 6.47
C HIS A 95 5.07 -30.82 6.29
N ALA A 96 5.15 -29.50 6.41
CA ALA A 96 3.93 -28.71 6.33
C ALA A 96 4.09 -27.45 5.51
N THR A 97 3.02 -27.11 4.81
CA THR A 97 2.81 -25.77 4.30
C THR A 97 2.20 -24.95 5.43
N VAL A 98 2.68 -23.71 5.62
CA VAL A 98 2.15 -22.91 6.72
C VAL A 98 1.69 -21.54 6.22
N TRP A 99 0.61 -21.06 6.84
CA TRP A 99 0.05 -19.73 6.64
C TRP A 99 0.12 -18.97 7.95
N GLY A 100 0.45 -17.68 7.91
CA GLY A 100 0.25 -16.85 9.10
C GLY A 100 0.14 -15.38 8.76
N CYS A 101 -0.72 -14.71 9.53
CA CYS A 101 -0.88 -13.25 9.45
C CYS A 101 -0.39 -12.59 10.72
N SER A 102 0.21 -11.40 10.58
CA SER A 102 0.56 -10.56 11.71
C SER A 102 1.65 -11.26 12.52
N SER A 103 1.49 -11.41 13.84
CA SER A 103 2.47 -12.21 14.59
C SER A 103 2.58 -13.62 14.02
N GLY A 104 1.51 -14.10 13.40
CA GLY A 104 1.53 -15.40 12.74
C GLY A 104 2.41 -15.39 11.50
N ALA A 105 2.47 -14.23 10.83
CA ALA A 105 3.37 -14.07 9.69
C ALA A 105 4.82 -14.12 10.15
N SER A 106 5.13 -13.39 11.23
CA SER A 106 6.48 -13.43 11.81
C SER A 106 6.84 -14.87 12.17
N THR A 107 5.87 -15.57 12.74
CA THR A 107 6.04 -16.96 13.14
C THR A 107 6.36 -17.86 11.95
N VAL A 108 5.62 -17.73 10.85
CA VAL A 108 5.86 -18.68 9.77
C VAL A 108 7.16 -18.37 9.01
N VAL A 109 7.60 -17.11 8.98
CA VAL A 109 8.91 -16.83 8.39
C VAL A 109 10.01 -17.39 9.30
N ALA A 110 9.84 -17.24 10.61
CA ALA A 110 10.80 -17.84 11.54
C ALA A 110 10.80 -19.37 11.44
N LEU A 111 9.65 -19.97 11.19
CA LEU A 111 9.58 -21.42 10.98
C LEU A 111 10.34 -21.84 9.73
N LEU A 112 10.09 -21.15 8.63
CA LEU A 112 10.75 -21.49 7.37
C LEU A 112 12.26 -21.37 7.49
N LEU A 113 12.75 -20.31 8.12
CA LEU A 113 14.18 -20.09 8.24
C LEU A 113 14.81 -21.04 9.25
N GLY A 114 14.10 -21.31 10.35
CA GLY A 114 14.66 -22.10 11.43
C GLY A 114 14.54 -23.59 11.26
N TYR A 115 13.53 -24.02 10.51
CA TYR A 115 13.22 -25.43 10.33
C TYR A 115 12.96 -25.78 8.87
N PRO A 116 13.96 -25.56 8.00
CA PRO A 116 13.72 -25.74 6.57
C PRO A 116 13.35 -27.16 6.16
N ASP A 117 13.77 -28.16 6.94
CA ASP A 117 13.41 -29.54 6.64
C ASP A 117 11.94 -29.83 6.94
N ARG A 118 11.30 -28.95 7.71
CA ARG A 118 9.93 -29.17 8.17
C ARG A 118 8.91 -28.39 7.38
N ILE A 119 9.37 -27.32 6.72
CA ILE A 119 8.45 -26.39 6.09
C ILE A 119 8.54 -26.43 4.57
N ARG A 120 7.45 -26.87 3.93
CA ARG A 120 7.40 -26.95 2.48
C ARG A 120 7.44 -25.57 1.83
N ASN A 121 6.59 -24.69 2.35
CA ASN A 121 6.50 -23.31 1.90
C ASN A 121 5.72 -22.55 2.94
N ALA A 122 5.92 -21.24 2.99
CA ALA A 122 5.22 -20.39 3.93
C ALA A 122 4.53 -19.25 3.21
N MET A 123 3.31 -18.96 3.64
CA MET A 123 2.55 -17.79 3.21
C MET A 123 2.48 -16.84 4.38
N CYS A 124 3.01 -15.64 4.20
CA CYS A 124 2.94 -14.64 5.28
C CYS A 124 2.11 -13.46 4.81
N HIS A 125 1.34 -12.91 5.72
CA HIS A 125 0.44 -11.79 5.43
C HIS A 125 0.62 -10.69 6.47
N GLU A 126 0.90 -9.46 6.03
CA GLU A 126 0.94 -8.27 6.90
C GLU A 126 1.75 -8.53 8.19
N LEU A 127 3.06 -8.61 7.98
CA LEU A 127 4.03 -8.93 9.01
C LEU A 127 4.52 -7.65 9.68
N PRO A 128 4.29 -7.51 11.00
CA PRO A 128 4.63 -6.23 11.64
C PRO A 128 6.11 -6.12 11.97
N THR A 129 6.75 -5.06 11.46
CA THR A 129 8.19 -4.92 11.68
C THR A 129 8.56 -3.67 12.46
N LYS A 130 7.57 -2.82 12.73
CA LYS A 130 7.81 -1.56 13.43
C LYS A 130 6.99 -1.45 14.69
N LEU A 131 7.61 -0.93 15.75
CA LEU A 131 6.90 -0.64 16.98
C LEU A 131 5.90 0.47 16.72
N LEU A 132 4.68 0.26 17.20
CA LEU A 132 3.65 1.29 17.13
C LEU A 132 3.25 1.68 18.56
N ASP A 133 3.59 2.90 18.95
CA ASP A 133 3.37 3.31 20.34
C ASP A 133 1.90 3.24 20.75
N HIS A 134 0.98 3.54 19.84
CA HIS A 134 -0.44 3.57 20.21
C HIS A 134 -0.95 2.16 20.56
N LEU A 135 -0.32 1.13 20.00
CA LEU A 135 -0.68 -0.24 20.38
C LEU A 135 0.08 -0.67 21.62
N SER A 136 1.38 -0.37 21.66
CA SER A 136 2.20 -0.70 22.81
C SER A 136 1.63 -0.10 24.11
N ASN A 137 1.12 1.12 24.01
CA ASN A 137 0.63 1.83 25.19
C ASN A 137 -0.65 1.26 25.77
N THR A 138 -1.33 0.38 25.04
CA THR A 138 -2.54 -0.23 25.58
C THR A 138 -2.19 -1.19 26.71
N ALA A 139 -0.93 -1.62 26.76
CA ALA A 139 -0.50 -2.64 27.71
C ALA A 139 -0.61 -2.19 29.17
N VAL A 140 -0.71 -0.88 29.40
CA VAL A 140 -0.77 -0.35 30.76
C VAL A 140 -2.19 0.03 31.20
N LEU A 141 -3.18 -0.21 30.34
CA LEU A 141 -4.57 0.06 30.69
C LEU A 141 -5.18 -1.11 31.44
N GLU A 142 -6.36 -0.91 32.03
CA GLU A 142 -7.07 -2.02 32.67
C GLU A 142 -7.67 -2.94 31.61
N ASP A 143 -7.91 -4.19 31.97
CA ASP A 143 -8.41 -5.20 31.02
C ASP A 143 -9.61 -4.74 30.21
N GLU A 144 -10.64 -4.23 30.89
CA GLU A 144 -11.86 -3.87 30.20
C GLU A 144 -11.64 -2.74 29.20
N GLU A 145 -10.75 -1.80 29.54
CA GLU A 145 -10.40 -0.72 28.64
C GLU A 145 -9.73 -1.27 27.39
N ILE A 146 -8.80 -2.20 27.59
CA ILE A 146 -8.08 -2.80 26.46
C ILE A 146 -9.05 -3.53 25.53
N SER A 147 -9.94 -4.34 26.11
CA SER A 147 -10.90 -5.08 25.29
C SER A 147 -11.80 -4.13 24.51
N ASN A 148 -12.30 -3.09 25.17
N ASN A 148 -12.30 -3.09 25.18
CA ASN A 148 -13.16 -2.12 24.49
CA ASN A 148 -13.15 -2.12 24.50
C ASN A 148 -12.47 -1.43 23.34
C ASN A 148 -12.46 -1.43 23.34
N ILE A 149 -11.24 -0.96 23.57
CA ILE A 149 -10.47 -0.28 22.54
C ILE A 149 -10.16 -1.21 21.37
N LEU A 150 -9.63 -2.40 21.67
CA LEU A 150 -9.16 -3.25 20.58
C LEU A 150 -10.33 -3.90 19.83
N ALA A 151 -11.43 -4.20 20.52
CA ALA A 151 -12.59 -4.75 19.83
C ALA A 151 -13.08 -3.74 18.79
N ASN A 152 -13.02 -2.46 19.14
N ASN A 152 -13.01 -2.46 19.12
CA ASN A 152 -13.43 -1.41 18.22
CA ASN A 152 -13.46 -1.44 18.17
C ASN A 152 -12.47 -1.28 17.04
C ASN A 152 -12.47 -1.19 17.04
N VAL A 153 -11.17 -1.32 17.32
CA VAL A 153 -10.16 -1.24 16.27
C VAL A 153 -10.34 -2.39 15.28
N MET A 154 -10.60 -3.59 15.79
CA MET A 154 -10.77 -4.73 14.89
C MET A 154 -11.98 -4.53 14.00
N LEU A 155 -13.12 -4.22 14.62
CA LEU A 155 -14.38 -4.08 13.88
C LEU A 155 -14.31 -2.96 12.84
N ASN A 156 -13.84 -1.79 13.26
CA ASN A 156 -13.97 -0.59 12.46
C ASN A 156 -12.75 -0.22 11.63
N ASP A 157 -11.57 -0.70 11.99
CA ASP A 157 -10.34 -0.26 11.34
C ASP A 157 -9.66 -1.30 10.47
N VAL A 158 -9.56 -2.55 10.94
CA VAL A 158 -8.71 -3.49 10.22
C VAL A 158 -9.37 -4.81 9.82
N SER A 159 -10.65 -5.01 10.13
CA SER A 159 -11.28 -6.29 9.80
C SER A 159 -11.34 -6.57 8.30
N GLY A 160 -11.42 -5.51 7.50
CA GLY A 160 -11.60 -5.67 6.06
C GLY A 160 -13.00 -6.11 5.65
N GLY A 161 -13.93 -6.11 6.60
CA GLY A 161 -15.29 -6.56 6.35
C GLY A 161 -16.04 -6.62 7.65
N SER A 162 -16.73 -5.55 8.02
CA SER A 162 -17.33 -5.46 9.33
C SER A 162 -18.46 -6.49 9.54
N GLU A 163 -19.24 -6.74 8.49
N GLU A 163 -19.25 -6.74 8.49
CA GLU A 163 -20.32 -7.71 8.58
CA GLU A 163 -20.32 -7.72 8.60
C GLU A 163 -19.78 -9.12 8.83
C GLU A 163 -19.75 -9.11 8.86
N ALA A 164 -18.73 -9.49 8.09
CA ALA A 164 -18.09 -10.81 8.28
C ALA A 164 -17.49 -10.92 9.67
N TRP A 165 -16.89 -9.83 10.13
CA TRP A 165 -16.29 -9.79 11.46
C TRP A 165 -17.36 -10.03 12.55
N GLN A 166 -18.48 -9.31 12.45
N GLN A 166 -18.47 -9.31 12.45
CA GLN A 166 -19.55 -9.50 13.42
CA GLN A 166 -19.56 -9.48 13.40
C GLN A 166 -20.11 -10.91 13.36
C GLN A 166 -20.10 -10.90 13.36
N ALA A 167 -20.17 -11.45 12.15
CA ALA A 167 -20.75 -12.78 11.95
C ALA A 167 -19.90 -13.92 12.50
N LEU A 168 -18.71 -13.62 13.02
CA LEU A 168 -17.97 -14.64 13.76
C LEU A 168 -18.80 -15.16 14.93
N GLY A 169 -19.69 -14.32 15.46
CA GLY A 169 -20.66 -14.78 16.43
C GLY A 169 -20.30 -14.47 17.87
N VAL A 170 -21.30 -14.58 18.74
N VAL A 170 -21.30 -14.61 18.74
CA VAL A 170 -21.15 -14.15 20.12
CA VAL A 170 -21.17 -14.27 20.15
C VAL A 170 -20.10 -14.96 20.91
C VAL A 170 -20.07 -15.03 20.89
N GLU A 171 -20.01 -16.27 20.64
N GLU A 171 -19.99 -16.35 20.67
CA GLU A 171 -19.04 -17.11 21.33
CA GLU A 171 -19.01 -17.15 21.38
C GLU A 171 -17.62 -16.72 20.99
C GLU A 171 -17.57 -16.79 20.98
N VAL A 172 -17.34 -16.57 19.69
CA VAL A 172 -16.01 -16.14 19.25
C VAL A 172 -15.65 -14.78 19.84
N HIS A 173 -16.58 -13.84 19.80
CA HIS A 173 -16.23 -12.52 20.32
C HIS A 173 -16.10 -12.50 21.83
N ALA A 174 -16.78 -13.42 22.52
CA ALA A 174 -16.57 -13.58 23.96
C ALA A 174 -15.16 -14.09 24.26
N ARG A 175 -14.65 -14.99 23.41
CA ARG A 175 -13.27 -15.45 23.59
C ARG A 175 -12.28 -14.35 23.26
N LEU A 176 -12.54 -13.62 22.19
CA LEU A 176 -11.64 -12.51 21.83
C LEU A 176 -11.59 -11.45 22.92
N HIS A 177 -12.73 -11.21 23.56
CA HIS A 177 -12.80 -10.26 24.66
C HIS A 177 -11.72 -10.54 25.71
N LYS A 178 -11.56 -11.83 26.04
CA LYS A 178 -10.58 -12.25 27.04
C LYS A 178 -9.15 -12.19 26.48
N ASN A 179 -9.02 -12.39 25.17
CA ASN A 179 -7.69 -12.43 24.56
C ASN A 179 -7.07 -11.04 24.42
N TYR A 180 -7.89 -10.01 24.26
CA TYR A 180 -7.33 -8.69 23.94
C TYR A 180 -6.30 -8.23 24.97
N PRO A 181 -6.58 -8.34 26.28
CA PRO A 181 -5.55 -7.91 27.23
C PRO A 181 -4.31 -8.81 27.23
N VAL A 182 -4.48 -10.10 26.99
CA VAL A 182 -3.35 -11.01 26.89
C VAL A 182 -2.45 -10.59 25.71
N TRP A 183 -3.08 -10.36 24.56
CA TRP A 183 -2.31 -9.90 23.41
C TRP A 183 -1.62 -8.55 23.71
N ALA A 184 -2.37 -7.60 24.26
CA ALA A 184 -1.78 -6.27 24.48
C ALA A 184 -0.57 -6.30 25.40
N ARG A 185 -0.63 -7.09 26.46
N ARG A 185 -0.63 -7.11 26.45
CA ARG A 185 0.45 -7.09 27.42
CA ARG A 185 0.45 -7.13 27.44
C ARG A 185 1.64 -7.91 26.91
C ARG A 185 1.57 -8.10 27.10
N GLY A 186 1.38 -8.89 26.04
CA GLY A 186 2.41 -9.83 25.65
C GLY A 186 3.03 -9.68 24.27
N TYR A 187 2.38 -8.94 23.37
CA TYR A 187 2.80 -8.95 21.96
C TYR A 187 3.38 -7.64 21.37
N PRO A 188 2.66 -6.51 21.45
CA PRO A 188 3.09 -5.40 20.58
C PRO A 188 4.46 -4.80 20.92
N ARG A 189 4.95 -4.95 22.14
CA ARG A 189 6.25 -4.37 22.46
C ARG A 189 7.42 -5.27 22.05
N THR A 190 7.15 -6.55 21.76
CA THR A 190 8.23 -7.52 21.53
C THR A 190 8.16 -8.23 20.17
N ILE A 191 6.98 -8.31 19.56
CA ILE A 191 6.84 -8.97 18.27
C ILE A 191 7.56 -8.19 17.14
N PRO A 192 7.34 -6.87 17.02
CA PRO A 192 7.99 -6.23 15.86
C PRO A 192 9.53 -6.28 15.86
N PRO A 193 10.20 -6.06 17.01
CA PRO A 193 11.68 -6.15 16.96
C PRO A 193 12.20 -7.56 16.66
N SER A 194 11.35 -8.56 16.83
CA SER A 194 11.73 -9.95 16.56
C SER A 194 11.52 -10.36 15.10
N ALA A 195 11.02 -9.44 14.27
CA ALA A 195 10.70 -9.79 12.89
C ALA A 195 11.90 -10.38 12.17
N PRO A 196 11.74 -11.58 11.61
CA PRO A 196 12.87 -12.27 10.99
C PRO A 196 13.20 -11.76 9.59
N VAL A 197 13.36 -10.44 9.47
CA VAL A 197 13.62 -9.81 8.17
C VAL A 197 14.81 -8.85 8.17
N GLN A 198 15.74 -9.02 9.11
N GLN A 198 15.70 -8.99 9.14
CA GLN A 198 16.91 -8.15 9.17
CA GLN A 198 16.92 -8.20 9.19
C GLN A 198 17.96 -8.53 8.11
C GLN A 198 17.73 -8.45 7.92
N ASP A 199 17.82 -9.71 7.53
CA ASP A 199 18.71 -10.14 6.47
C ASP A 199 17.93 -10.54 5.23
N VAL A 200 17.88 -9.62 4.27
CA VAL A 200 17.16 -9.85 3.02
C VAL A 200 17.77 -11.03 2.26
N GLU A 201 19.09 -11.20 2.36
CA GLU A 201 19.72 -12.29 1.65
C GLU A 201 19.31 -13.66 2.20
N ALA A 202 18.91 -13.72 3.47
CA ALA A 202 18.43 -14.97 4.06
C ALA A 202 17.08 -15.37 3.47
N LEU A 203 16.31 -14.39 3.02
CA LEU A 203 14.99 -14.66 2.44
C LEU A 203 15.08 -15.03 0.97
N ARG A 204 16.17 -14.62 0.30
CA ARG A 204 16.26 -14.83 -1.15
C ARG A 204 16.26 -16.31 -1.51
N GLY A 205 15.41 -16.68 -2.46
CA GLY A 205 15.35 -18.05 -2.94
C GLY A 205 14.52 -18.99 -2.09
N LYS A 206 13.96 -18.48 -1.00
CA LYS A 206 13.16 -19.30 -0.09
C LYS A 206 11.72 -19.44 -0.60
N PRO A 207 11.05 -20.57 -0.26
CA PRO A 207 9.67 -20.78 -0.71
C PRO A 207 8.69 -20.01 0.16
N LEU A 208 8.69 -18.71 -0.07
CA LEU A 208 7.92 -17.75 0.69
C LEU A 208 7.01 -16.97 -0.26
N ASP A 209 5.73 -16.86 0.09
CA ASP A 209 4.78 -16.04 -0.67
C ASP A 209 4.16 -15.05 0.28
N TRP A 210 4.30 -13.77 -0.05
CA TRP A 210 3.98 -12.69 0.89
C TRP A 210 2.77 -11.94 0.35
N THR A 211 1.82 -11.62 1.22
CA THR A 211 0.68 -10.80 0.81
C THR A 211 0.42 -9.64 1.77
N VAL A 212 -0.26 -8.63 1.23
CA VAL A 212 -0.80 -7.51 2.00
C VAL A 212 -2.25 -7.35 1.57
N GLY A 213 -3.08 -6.79 2.43
CA GLY A 213 -4.48 -6.57 2.06
C GLY A 213 -4.64 -5.45 1.05
N ALA A 214 -5.48 -5.68 0.05
CA ALA A 214 -5.67 -4.71 -1.04
C ALA A 214 -6.23 -3.39 -0.52
N ALA A 215 -7.06 -3.45 0.51
CA ALA A 215 -7.70 -2.25 1.04
C ALA A 215 -6.95 -1.64 2.23
N THR A 216 -5.93 -2.35 2.74
CA THR A 216 -5.10 -1.80 3.79
C THR A 216 -4.46 -0.48 3.35
N PRO A 217 -4.49 0.55 4.22
CA PRO A 217 -3.76 1.78 3.87
C PRO A 217 -2.32 1.48 3.52
N THR A 218 -1.79 2.14 2.50
CA THR A 218 -0.46 1.81 2.02
C THR A 218 0.61 1.86 3.13
N GLU A 219 0.51 2.84 4.01
N GLU A 219 0.50 2.84 4.03
CA GLU A 219 1.49 3.00 5.06
CA GLU A 219 1.51 3.02 5.05
C GLU A 219 1.65 1.75 5.92
C GLU A 219 1.60 1.87 6.06
N SER A 220 0.55 1.07 6.18
CA SER A 220 0.54 0.04 7.23
C SER A 220 1.56 -1.06 6.99
N PHE A 221 1.65 -1.55 5.76
CA PHE A 221 2.61 -2.61 5.48
C PHE A 221 3.44 -2.32 4.23
N PHE A 222 3.62 -1.03 3.97
CA PHE A 222 4.55 -0.53 2.95
C PHE A 222 5.89 -1.27 3.04
N ASP A 223 6.40 -1.41 4.26
CA ASP A 223 7.71 -1.98 4.47
C ASP A 223 7.77 -3.44 4.00
N ASN A 224 6.65 -4.16 4.11
CA ASN A 224 6.60 -5.55 3.65
C ASN A 224 6.84 -5.64 2.15
N ILE A 225 6.22 -4.73 1.41
CA ILE A 225 6.33 -4.74 -0.05
C ILE A 225 7.77 -4.44 -0.48
N VAL A 226 8.38 -3.45 0.16
CA VAL A 226 9.77 -3.12 -0.12
C VAL A 226 10.69 -4.30 0.21
N THR A 227 10.53 -4.88 1.40
CA THR A 227 11.41 -5.98 1.81
C THR A 227 11.26 -7.21 0.91
N ALA A 228 10.02 -7.58 0.61
CA ALA A 228 9.77 -8.73 -0.26
C ALA A 228 10.43 -8.52 -1.63
N THR A 229 10.26 -7.31 -2.17
CA THR A 229 10.81 -7.02 -3.49
C THR A 229 12.34 -7.06 -3.49
N LYS A 230 12.94 -6.51 -2.44
CA LYS A 230 14.40 -6.57 -2.31
C LYS A 230 14.92 -7.99 -2.30
N ALA A 231 14.16 -8.88 -1.68
CA ALA A 231 14.56 -10.27 -1.52
C ALA A 231 14.15 -11.14 -2.70
N GLY A 232 13.44 -10.56 -3.66
CA GLY A 232 12.96 -11.30 -4.81
C GLY A 232 11.84 -12.29 -4.49
N VAL A 233 11.21 -12.08 -3.35
CA VAL A 233 10.12 -12.93 -2.87
C VAL A 233 8.82 -12.53 -3.55
N ASN A 234 8.00 -13.53 -3.92
N ASN A 234 8.00 -13.52 -3.94
CA ASN A 234 6.67 -13.24 -4.44
CA ASN A 234 6.69 -13.25 -4.51
C ASN A 234 5.90 -12.37 -3.49
C ASN A 234 5.84 -12.43 -3.54
N ILE A 235 5.34 -11.27 -4.00
CA ILE A 235 4.57 -10.36 -3.17
C ILE A 235 3.32 -9.98 -3.94
N GLY A 236 2.18 -10.06 -3.28
CA GLY A 236 0.91 -9.74 -3.94
C GLY A 236 -0.14 -9.35 -2.94
N LEU A 237 -1.39 -9.29 -3.42
CA LEU A 237 -2.49 -8.78 -2.61
C LEU A 237 -3.61 -9.80 -2.43
N LEU A 238 -4.23 -9.77 -1.26
CA LEU A 238 -5.50 -10.46 -1.04
C LEU A 238 -6.58 -9.40 -0.83
N PRO A 239 -7.83 -9.74 -1.14
CA PRO A 239 -8.90 -8.78 -0.85
C PRO A 239 -8.98 -8.49 0.64
N GLY A 240 -9.51 -7.31 0.98
CA GLY A 240 -9.74 -6.98 2.37
C GLY A 240 -8.54 -6.33 3.03
N MET A 241 -8.39 -6.57 4.33
CA MET A 241 -7.31 -5.94 5.08
C MET A 241 -6.56 -7.00 5.87
N HIS A 242 -6.71 -7.00 7.19
CA HIS A 242 -5.85 -7.82 8.05
C HIS A 242 -6.34 -9.25 8.27
N PHE A 243 -7.59 -9.54 7.91
CA PHE A 243 -8.16 -10.85 8.18
C PHE A 243 -8.83 -11.45 6.95
N PRO A 244 -8.04 -11.72 5.89
CA PRO A 244 -8.65 -12.20 4.65
C PRO A 244 -9.41 -13.52 4.84
N TYR A 245 -9.00 -14.34 5.79
CA TYR A 245 -9.70 -15.57 6.06
C TYR A 245 -11.10 -15.34 6.69
N VAL A 246 -11.30 -14.17 7.29
CA VAL A 246 -12.63 -13.81 7.80
C VAL A 246 -13.44 -13.07 6.73
N SER A 247 -12.83 -12.06 6.10
CA SER A 247 -13.57 -11.18 5.20
C SER A 247 -13.89 -11.84 3.86
N HIS A 248 -12.97 -12.69 3.41
CA HIS A 248 -13.06 -13.30 2.08
C HIS A 248 -12.62 -14.75 2.13
N PRO A 249 -13.34 -15.59 2.88
CA PRO A 249 -12.86 -16.95 3.14
C PRO A 249 -12.69 -17.81 1.88
N ASP A 250 -13.52 -17.60 0.86
CA ASP A 250 -13.40 -18.40 -0.36
C ASP A 250 -12.14 -18.03 -1.14
N VAL A 251 -11.89 -16.73 -1.29
CA VAL A 251 -10.69 -16.27 -1.97
C VAL A 251 -9.45 -16.69 -1.18
N PHE A 252 -9.52 -16.57 0.14
CA PHE A 252 -8.43 -17.01 0.98
C PHE A 252 -8.12 -18.51 0.77
N ALA A 253 -9.16 -19.32 0.80
CA ALA A 253 -9.01 -20.77 0.64
C ALA A 253 -8.38 -21.08 -0.72
N LYS A 254 -8.87 -20.39 -1.75
N LYS A 254 -8.86 -20.39 -1.75
CA LYS A 254 -8.35 -20.57 -3.11
CA LYS A 254 -8.32 -20.63 -3.09
C LYS A 254 -6.86 -20.25 -3.17
C LYS A 254 -6.85 -20.25 -3.17
N TYR A 255 -6.47 -19.15 -2.54
CA TYR A 255 -5.08 -18.72 -2.51
C TYR A 255 -4.20 -19.76 -1.82
N VAL A 256 -4.67 -20.26 -0.69
CA VAL A 256 -3.88 -21.24 0.05
C VAL A 256 -3.72 -22.53 -0.76
N VAL A 257 -4.82 -23.00 -1.37
CA VAL A 257 -4.77 -24.20 -2.19
C VAL A 257 -3.84 -24.00 -3.39
N GLU A 258 -4.02 -22.90 -4.13
CA GLU A 258 -3.21 -22.69 -5.34
C GLU A 258 -1.73 -22.54 -5.03
N THR A 259 -1.42 -21.84 -3.95
CA THR A 259 -0.03 -21.64 -3.55
C THR A 259 0.60 -22.96 -3.12
N THR A 260 -0.14 -23.78 -2.36
CA THR A 260 0.37 -25.08 -1.94
C THR A 260 0.61 -25.95 -3.18
N GLN A 261 -0.32 -25.91 -4.13
CA GLN A 261 -0.19 -26.73 -5.33
C GLN A 261 1.03 -26.30 -6.14
N LYS A 262 1.28 -25.00 -6.20
CA LYS A 262 2.44 -24.47 -6.92
C LYS A 262 3.72 -25.05 -6.33
N HIS A 263 3.80 -25.09 -5.01
CA HIS A 263 5.01 -25.61 -4.39
C HIS A 263 5.11 -27.12 -4.38
N LEU A 264 3.98 -27.83 -4.45
CA LEU A 264 4.02 -29.27 -4.61
C LEU A 264 4.56 -29.64 -5.98
N TRP A 265 4.25 -28.84 -7.00
CA TRP A 265 4.80 -29.05 -8.33
C TRP A 265 6.31 -28.80 -8.35
N ASN A 266 6.73 -27.68 -7.75
N ASN A 266 6.71 -27.69 -7.75
CA ASN A 266 8.15 -27.33 -7.70
CA ASN A 266 8.11 -27.30 -7.66
C ASN A 266 8.94 -28.34 -6.88
C ASN A 266 8.93 -28.32 -6.87
N SER A 267 8.28 -28.95 -5.90
CA SER A 267 8.91 -29.94 -5.04
C SER A 267 9.17 -31.23 -5.81
N ARG B 2 3.94 37.15 -6.72
CA ARG B 2 3.81 36.10 -7.73
C ARG B 2 3.38 36.63 -9.09
N THR B 3 4.05 36.12 -10.13
CA THR B 3 3.66 36.40 -11.51
C THR B 3 2.51 35.49 -11.91
N ARG B 4 1.47 36.07 -12.49
CA ARG B 4 0.36 35.31 -13.06
C ARG B 4 0.14 35.84 -14.47
N SER B 5 0.35 34.99 -15.46
CA SER B 5 0.38 35.49 -16.82
C SER B 5 0.09 34.39 -17.83
N THR B 6 0.21 34.72 -19.11
CA THR B 6 0.08 33.72 -20.15
C THR B 6 1.25 33.78 -21.09
N ILE B 7 1.50 32.67 -21.77
CA ILE B 7 2.58 32.61 -22.73
C ILE B 7 2.23 31.56 -23.78
N SER B 8 2.51 31.87 -25.04
CA SER B 8 2.18 30.95 -26.13
C SER B 8 3.44 30.27 -26.64
N THR B 9 3.30 28.99 -26.99
CA THR B 9 4.43 28.21 -27.49
C THR B 9 4.16 27.81 -28.95
N PRO B 10 5.23 27.52 -29.72
CA PRO B 10 5.08 27.28 -31.17
C PRO B 10 4.15 26.12 -31.52
N ASN B 11 3.88 25.25 -30.56
CA ASN B 11 2.99 24.11 -30.76
C ASN B 11 1.51 24.48 -30.66
N GLY B 12 1.21 25.76 -30.50
CA GLY B 12 -0.16 26.25 -30.53
C GLY B 12 -0.86 26.38 -29.19
N ILE B 13 -0.13 26.05 -28.13
CA ILE B 13 -0.70 26.15 -26.78
C ILE B 13 -0.52 27.57 -26.23
N THR B 14 -1.60 28.14 -25.72
CA THR B 14 -1.49 29.33 -24.88
C THR B 14 -1.62 28.89 -23.43
N TRP B 15 -0.51 28.95 -22.72
CA TRP B 15 -0.44 28.51 -21.32
C TRP B 15 -0.82 29.61 -20.36
N TYR B 16 -1.57 29.27 -19.31
CA TYR B 16 -1.61 30.09 -18.12
C TYR B 16 -0.52 29.57 -17.17
N TYR B 17 0.34 30.46 -16.68
CA TYR B 17 1.40 30.04 -15.77
C TYR B 17 1.55 31.01 -14.59
N GLU B 18 2.15 30.50 -13.53
CA GLU B 18 2.46 31.32 -12.37
C GLU B 18 3.91 31.10 -12.01
N GLN B 19 4.53 32.12 -11.43
CA GLN B 19 5.93 32.01 -11.06
C GLN B 19 6.20 32.87 -9.84
N GLU B 20 6.96 32.33 -8.90
CA GLU B 20 7.29 33.08 -7.69
C GLU B 20 8.66 32.68 -7.20
N GLY B 21 9.45 33.68 -6.78
CA GLY B 21 10.72 33.41 -6.13
C GLY B 21 11.94 33.57 -7.02
N THR B 22 13.10 33.49 -6.40
N THR B 22 13.10 33.45 -6.38
CA THR B 22 14.35 33.50 -7.14
CA THR B 22 14.41 33.57 -7.03
C THR B 22 15.25 32.42 -6.57
C THR B 22 15.30 32.45 -6.54
N GLY B 23 16.05 31.82 -7.44
CA GLY B 23 16.91 30.73 -7.05
C GLY B 23 16.78 29.60 -8.05
N PRO B 24 17.28 28.40 -7.69
CA PRO B 24 17.17 27.26 -8.59
C PRO B 24 15.72 26.98 -8.94
N ASP B 25 15.48 26.56 -10.17
CA ASP B 25 14.12 26.34 -10.64
C ASP B 25 13.52 25.04 -10.16
N ILE B 26 12.30 25.17 -9.64
CA ILE B 26 11.43 24.05 -9.29
C ILE B 26 10.14 24.22 -10.06
N VAL B 27 9.73 23.17 -10.78
CA VAL B 27 8.54 23.23 -11.63
C VAL B 27 7.52 22.21 -11.12
N LEU B 28 6.30 22.67 -10.86
CA LEU B 28 5.24 21.80 -10.34
C LEU B 28 4.26 21.48 -11.46
N VAL B 29 4.28 20.24 -11.94
CA VAL B 29 3.39 19.80 -13.01
C VAL B 29 2.11 19.25 -12.42
N PRO B 30 0.95 19.76 -12.86
CA PRO B 30 -0.30 19.25 -12.30
C PRO B 30 -0.56 17.79 -12.64
N ASP B 31 -1.47 17.22 -11.87
CA ASP B 31 -2.08 15.93 -12.17
C ASP B 31 -2.95 16.07 -13.43
N GLY B 32 -3.68 15.02 -13.76
CA GLY B 32 -4.44 15.01 -15.01
C GLY B 32 -5.49 16.10 -15.10
N LEU B 33 -5.99 16.58 -13.97
CA LEU B 33 -7.01 17.62 -14.02
C LEU B 33 -6.44 18.98 -14.43
N GLY B 34 -5.11 19.11 -14.43
CA GLY B 34 -4.44 20.22 -15.09
C GLY B 34 -4.59 21.58 -14.46
N GLU B 35 -4.86 21.60 -13.15
CA GLU B 35 -5.28 22.82 -12.46
C GLU B 35 -4.25 23.28 -11.44
N CYS B 36 -3.49 24.33 -11.76
CA CYS B 36 -2.34 24.66 -10.90
C CYS B 36 -2.70 25.47 -9.66
N GLN B 37 -3.94 25.92 -9.51
CA GLN B 37 -4.29 26.60 -8.25
C GLN B 37 -4.20 25.62 -7.08
N MET B 38 -4.18 24.32 -7.37
CA MET B 38 -3.98 23.34 -6.31
C MET B 38 -2.63 23.48 -5.62
N PHE B 39 -1.69 24.17 -6.28
CA PHE B 39 -0.35 24.38 -5.71
C PHE B 39 -0.19 25.71 -4.99
N ASP B 40 -1.26 26.50 -4.93
CA ASP B 40 -1.18 27.90 -4.48
C ASP B 40 -0.41 28.09 -3.17
N SER B 41 -0.82 27.39 -2.12
CA SER B 41 -0.14 27.50 -0.83
C SER B 41 1.31 27.07 -0.90
N SER B 42 1.53 25.93 -1.55
N SER B 42 1.55 25.93 -1.55
CA SER B 42 2.87 25.34 -1.56
CA SER B 42 2.89 25.34 -1.54
C SER B 42 3.87 26.17 -2.37
C SER B 42 3.88 26.15 -2.39
N VAL B 43 3.40 26.80 -3.45
CA VAL B 43 4.27 27.64 -4.28
C VAL B 43 4.95 28.70 -3.42
N SER B 44 4.18 29.35 -2.56
CA SER B 44 4.74 30.41 -1.74
C SER B 44 5.70 29.86 -0.70
N GLN B 45 5.36 28.71 -0.11
CA GLN B 45 6.22 28.10 0.92
C GLN B 45 7.53 27.62 0.32
N ILE B 46 7.47 27.06 -0.88
CA ILE B 46 8.68 26.56 -1.52
C ILE B 46 9.55 27.74 -1.95
N ALA B 47 8.94 28.74 -2.60
CA ALA B 47 9.68 29.90 -3.07
C ALA B 47 10.42 30.62 -1.93
N ALA B 48 9.80 30.67 -0.76
CA ALA B 48 10.36 31.37 0.38
C ALA B 48 11.67 30.75 0.88
N GLN B 49 11.94 29.51 0.46
CA GLN B 49 13.18 28.85 0.86
C GLN B 49 14.31 29.08 -0.15
N GLY B 50 14.09 29.96 -1.11
CA GLY B 50 15.15 30.37 -2.03
C GLY B 50 15.13 29.63 -3.35
N PHE B 51 13.93 29.44 -3.90
CA PHE B 51 13.75 28.79 -5.19
C PHE B 51 12.85 29.62 -6.06
N ARG B 52 13.07 29.55 -7.37
CA ARG B 52 12.10 30.08 -8.32
C ARG B 52 11.15 28.95 -8.69
N VAL B 53 9.88 29.11 -8.36
CA VAL B 53 8.89 28.07 -8.52
C VAL B 53 7.95 28.44 -9.67
N THR B 54 7.78 27.53 -10.62
CA THR B 54 6.92 27.76 -11.77
C THR B 54 5.85 26.66 -11.83
N THR B 55 4.62 27.05 -12.13
CA THR B 55 3.59 26.04 -12.38
C THR B 55 2.68 26.59 -13.46
N PHE B 56 1.73 25.78 -13.92
CA PHE B 56 0.91 26.18 -15.06
C PHE B 56 -0.28 25.24 -15.17
N ASP B 57 -1.37 25.70 -15.77
CA ASP B 57 -2.46 24.79 -16.13
C ASP B 57 -2.02 23.96 -17.34
N MET B 58 -2.52 22.73 -17.43
CA MET B 58 -2.10 21.85 -18.52
C MET B 58 -2.93 22.07 -19.77
N PRO B 59 -2.41 21.67 -20.94
CA PRO B 59 -3.09 22.02 -22.20
C PRO B 59 -4.52 21.51 -22.26
N GLY B 60 -5.45 22.36 -22.63
CA GLY B 60 -6.83 22.02 -22.74
C GLY B 60 -7.60 22.08 -21.43
N MET B 61 -6.89 22.38 -20.36
CA MET B 61 -7.47 22.43 -19.05
C MET B 61 -7.42 23.81 -18.41
N SER B 62 -8.48 24.11 -17.68
CA SER B 62 -8.53 25.34 -16.94
C SER B 62 -8.22 26.57 -17.79
N ARG B 63 -7.23 27.33 -17.38
CA ARG B 63 -6.87 28.55 -18.09
C ARG B 63 -5.91 28.36 -19.26
N SER B 64 -5.51 27.14 -19.48
CA SER B 64 -4.66 26.77 -20.57
C SER B 64 -5.46 26.04 -21.65
N ALA B 65 -6.75 26.28 -21.69
CA ALA B 65 -7.63 25.64 -22.63
C ALA B 65 -7.38 25.99 -24.08
N LYS B 66 -6.88 27.17 -24.36
N LYS B 66 -6.89 27.18 -24.36
CA LYS B 66 -6.64 27.55 -25.75
CA LYS B 66 -6.64 27.55 -25.75
C LYS B 66 -5.44 26.78 -26.30
C LYS B 66 -5.44 26.77 -26.28
N ALA B 67 -5.73 25.61 -26.87
CA ALA B 67 -4.72 24.67 -27.31
C ALA B 67 -5.30 23.78 -28.39
N PRO B 68 -4.44 23.26 -29.29
CA PRO B 68 -4.89 22.35 -30.35
C PRO B 68 -5.42 21.05 -29.75
N ALA B 69 -6.42 20.46 -30.40
CA ALA B 69 -7.05 19.23 -29.89
C ALA B 69 -6.05 18.09 -29.65
N GLU B 70 -5.00 18.05 -30.46
N GLU B 70 -4.98 18.04 -30.44
CA GLU B 70 -3.96 17.03 -30.31
CA GLU B 70 -3.99 16.98 -30.29
C GLU B 70 -3.37 17.00 -28.90
C GLU B 70 -3.27 17.02 -28.94
N THR B 71 -3.31 18.16 -28.27
CA THR B 71 -2.64 18.30 -26.97
C THR B 71 -3.48 17.80 -25.79
N TYR B 72 -4.77 17.54 -26.00
CA TYR B 72 -5.62 17.05 -24.92
C TYR B 72 -6.49 15.87 -25.35
N THR B 73 -6.11 15.25 -26.47
CA THR B 73 -6.69 13.98 -26.88
C THR B 73 -5.56 12.97 -27.12
N GLU B 74 -5.86 11.70 -26.92
CA GLU B 74 -4.85 10.64 -27.05
C GLU B 74 -3.57 11.03 -26.33
N VAL B 75 -3.72 11.44 -25.09
CA VAL B 75 -2.61 12.01 -24.33
C VAL B 75 -1.71 10.92 -23.77
N THR B 76 -0.40 11.15 -23.91
CA THR B 76 0.61 10.24 -23.39
C THR B 76 1.63 11.00 -22.57
N ALA B 77 2.40 10.27 -21.77
CA ALA B 77 3.47 10.86 -20.98
C ALA B 77 4.46 11.62 -21.86
N GLN B 78 4.72 11.05 -23.03
CA GLN B 78 5.73 11.59 -23.93
C GLN B 78 5.22 12.88 -24.60
N LYS B 79 3.94 12.90 -24.97
CA LYS B 79 3.34 14.14 -25.44
C LYS B 79 3.39 15.24 -24.38
N LEU B 80 2.97 14.91 -23.15
CA LEU B 80 2.98 15.92 -22.10
C LEU B 80 4.39 16.42 -21.79
N ALA B 81 5.37 15.51 -21.83
CA ALA B 81 6.75 15.91 -21.60
C ALA B 81 7.21 16.90 -22.67
N SER B 82 6.83 16.64 -23.92
CA SER B 82 7.23 17.56 -24.99
C SER B 82 6.58 18.94 -24.76
N TYR B 83 5.34 18.97 -24.28
CA TYR B 83 4.68 20.24 -24.02
C TYR B 83 5.32 20.97 -22.84
N VAL B 84 5.66 20.26 -21.77
CA VAL B 84 6.30 20.93 -20.64
C VAL B 84 7.66 21.51 -21.07
N ILE B 85 8.44 20.77 -21.86
CA ILE B 85 9.69 21.32 -22.36
C ILE B 85 9.44 22.61 -23.14
N SER B 86 8.34 22.65 -23.89
CA SER B 86 8.08 23.84 -24.70
C SER B 86 7.86 25.07 -23.82
N ILE B 87 7.16 24.93 -22.69
CA ILE B 87 6.95 26.12 -21.88
C ILE B 87 8.20 26.45 -21.06
N LEU B 88 8.98 25.44 -20.67
CA LEU B 88 10.26 25.72 -20.02
C LEU B 88 11.18 26.50 -20.98
N ASP B 89 11.18 26.12 -22.24
CA ASP B 89 11.96 26.85 -23.25
C ASP B 89 11.49 28.30 -23.36
N ALA B 90 10.18 28.48 -23.42
CA ALA B 90 9.61 29.81 -23.57
C ALA B 90 9.91 30.70 -22.38
N LEU B 91 10.01 30.09 -21.20
CA LEU B 91 10.25 30.81 -19.96
C LEU B 91 11.74 30.89 -19.63
N ASP B 92 12.57 30.37 -20.53
CA ASP B 92 14.02 30.38 -20.37
C ASP B 92 14.46 29.67 -19.10
N ILE B 93 13.81 28.55 -18.80
CA ILE B 93 14.19 27.69 -17.68
C ILE B 93 15.06 26.55 -18.22
N LYS B 94 16.35 26.63 -17.94
CA LYS B 94 17.32 25.73 -18.55
C LYS B 94 17.48 24.43 -17.76
N HIS B 95 17.56 24.56 -16.45
N HIS B 95 17.47 24.53 -16.43
CA HIS B 95 17.65 23.43 -15.55
CA HIS B 95 17.68 23.37 -15.57
C HIS B 95 16.48 23.51 -14.59
C HIS B 95 16.71 23.38 -14.39
N ALA B 96 15.83 22.39 -14.34
CA ALA B 96 14.74 22.38 -13.37
C ALA B 96 14.60 21.11 -12.58
N THR B 97 14.22 21.27 -11.32
CA THR B 97 13.67 20.20 -10.52
C THR B 97 12.19 20.11 -10.87
N VAL B 98 11.66 18.91 -11.05
CA VAL B 98 10.25 18.81 -11.41
C VAL B 98 9.50 17.87 -10.47
N TRP B 99 8.24 18.23 -10.20
CA TRP B 99 7.29 17.40 -9.45
C TRP B 99 6.12 17.03 -10.35
N GLY B 100 5.61 15.80 -10.22
CA GLY B 100 4.34 15.51 -10.88
C GLY B 100 3.62 14.35 -10.23
N CYS B 101 2.30 14.44 -10.17
CA CYS B 101 1.43 13.36 -9.70
C CYS B 101 0.57 12.81 -10.84
N SER B 102 0.34 11.50 -10.83
CA SER B 102 -0.61 10.86 -11.75
C SER B 102 -0.07 10.99 -13.18
N SER B 103 -0.87 11.48 -14.13
CA SER B 103 -0.31 11.73 -15.46
C SER B 103 0.89 12.69 -15.40
N GLY B 104 0.90 13.56 -14.40
CA GLY B 104 2.05 14.42 -14.16
C GLY B 104 3.28 13.64 -13.70
N ALA B 105 3.07 12.56 -12.96
CA ALA B 105 4.18 11.67 -12.60
C ALA B 105 4.77 11.00 -13.83
N SER B 106 3.91 10.50 -14.69
CA SER B 106 4.37 9.90 -15.93
C SER B 106 5.16 10.92 -16.74
N THR B 107 4.67 12.15 -16.73
CA THR B 107 5.30 13.25 -17.45
C THR B 107 6.69 13.53 -16.92
N VAL B 108 6.85 13.61 -15.61
CA VAL B 108 8.17 14.00 -15.10
C VAL B 108 9.18 12.87 -15.25
N VAL B 109 8.76 11.62 -15.23
CA VAL B 109 9.72 10.54 -15.48
C VAL B 109 10.11 10.58 -16.96
N ALA B 110 9.14 10.85 -17.84
CA ALA B 110 9.47 10.99 -19.26
C ALA B 110 10.40 12.17 -19.50
N LEU B 111 10.22 13.25 -18.75
CA LEU B 111 11.12 14.39 -18.85
C LEU B 111 12.54 14.03 -18.44
N LEU B 112 12.66 13.37 -17.29
CA LEU B 112 13.98 13.02 -16.77
C LEU B 112 14.73 12.11 -17.75
N LEU B 113 14.02 11.12 -18.30
CA LEU B 113 14.66 10.16 -19.19
C LEU B 113 14.96 10.75 -20.57
N GLY B 114 14.05 11.61 -21.04
CA GLY B 114 14.16 12.14 -22.39
C GLY B 114 15.00 13.39 -22.51
N TYR B 115 15.08 14.15 -21.42
CA TYR B 115 15.80 15.43 -21.42
C TYR B 115 16.71 15.54 -20.20
N PRO B 116 17.70 14.64 -20.07
CA PRO B 116 18.49 14.58 -18.84
C PRO B 116 19.31 15.84 -18.56
N ASP B 117 19.67 16.56 -19.63
N ASP B 117 19.67 16.59 -19.60
CA ASP B 117 20.42 17.80 -19.48
CA ASP B 117 20.44 17.80 -19.39
C ASP B 117 19.58 18.91 -18.85
C ASP B 117 19.56 19.01 -19.08
N ARG B 118 18.25 18.77 -18.94
CA ARG B 118 17.32 19.82 -18.51
C ARG B 118 16.77 19.58 -17.12
N ILE B 119 16.84 18.34 -16.66
CA ILE B 119 16.17 17.96 -15.41
C ILE B 119 17.18 17.59 -14.32
N ARG B 120 17.20 18.40 -13.27
CA ARG B 120 18.08 18.17 -12.12
C ARG B 120 17.67 16.90 -11.38
N ASN B 121 16.38 16.79 -11.10
CA ASN B 121 15.82 15.63 -10.40
C ASN B 121 14.33 15.67 -10.56
N ALA B 122 13.68 14.51 -10.42
CA ALA B 122 12.23 14.44 -10.56
C ALA B 122 11.62 13.76 -9.36
N MET B 123 10.49 14.30 -8.91
CA MET B 123 9.66 13.72 -7.88
C MET B 123 8.39 13.24 -8.53
N CYS B 124 8.14 11.93 -8.48
CA CYS B 124 6.90 11.39 -9.03
C CYS B 124 6.03 10.81 -7.92
N HIS B 125 4.73 10.99 -8.05
CA HIS B 125 3.76 10.54 -7.05
C HIS B 125 2.63 9.79 -7.74
N GLU B 126 2.37 8.56 -7.32
CA GLU B 126 1.20 7.77 -7.76
C GLU B 126 1.02 7.81 -9.28
N LEU B 127 1.93 7.08 -9.94
CA LEU B 127 2.05 7.02 -11.39
C LEU B 127 1.19 5.88 -11.93
N PRO B 128 0.22 6.18 -12.80
CA PRO B 128 -0.69 5.11 -13.23
C PRO B 128 -0.09 4.26 -14.33
N THR B 129 -0.01 2.95 -14.10
CA THR B 129 0.60 2.07 -15.08
C THR B 129 -0.36 1.02 -15.61
N LYS B 130 -1.56 0.99 -15.05
CA LYS B 130 -2.56 0.00 -15.47
C LYS B 130 -3.84 0.65 -15.96
N LEU B 131 -4.40 0.10 -17.04
CA LEU B 131 -5.69 0.55 -17.51
C LEU B 131 -6.76 0.18 -16.50
N LEU B 132 -7.64 1.13 -16.22
CA LEU B 132 -8.75 0.91 -15.31
C LEU B 132 -10.04 1.13 -16.08
N ASP B 133 -10.78 0.05 -16.31
CA ASP B 133 -11.95 0.11 -17.16
C ASP B 133 -13.01 1.08 -16.63
N HIS B 134 -13.18 1.16 -15.31
CA HIS B 134 -14.24 2.02 -14.77
C HIS B 134 -13.94 3.50 -15.02
N LEU B 135 -12.67 3.86 -15.18
CA LEU B 135 -12.33 5.22 -15.55
C LEU B 135 -12.41 5.41 -17.07
N SER B 136 -11.84 4.47 -17.82
CA SER B 136 -11.87 4.54 -19.28
C SER B 136 -13.29 4.64 -19.82
N ASN B 137 -14.21 3.90 -19.20
CA ASN B 137 -15.59 3.83 -19.69
C ASN B 137 -16.38 5.12 -19.50
N THR B 138 -15.87 6.04 -18.67
CA THR B 138 -16.58 7.30 -18.51
C THR B 138 -16.53 8.14 -19.78
N ALA B 139 -15.57 7.85 -20.67
CA ALA B 139 -15.33 8.66 -21.85
C ALA B 139 -16.49 8.66 -22.86
N VAL B 140 -17.42 7.70 -22.74
CA VAL B 140 -18.55 7.65 -23.67
C VAL B 140 -19.83 8.27 -23.10
N LEU B 141 -19.75 8.76 -21.87
CA LEU B 141 -20.91 9.39 -21.23
C LEU B 141 -21.05 10.85 -21.66
N GLU B 142 -22.19 11.47 -21.35
CA GLU B 142 -22.38 12.89 -21.64
C GLU B 142 -21.50 13.73 -20.72
N ASP B 143 -21.16 14.94 -21.15
CA ASP B 143 -20.27 15.84 -20.39
C ASP B 143 -20.69 16.00 -18.94
N GLU B 144 -21.95 16.35 -18.71
N GLU B 144 -21.94 16.34 -18.70
CA GLU B 144 -22.39 16.63 -17.34
CA GLU B 144 -22.37 16.63 -17.34
C GLU B 144 -22.42 15.37 -16.48
C GLU B 144 -22.40 15.37 -16.47
N GLU B 145 -22.65 14.21 -17.09
CA GLU B 145 -22.60 12.94 -16.36
C GLU B 145 -21.17 12.68 -15.88
N ILE B 146 -20.23 12.86 -16.79
CA ILE B 146 -18.82 12.68 -16.45
C ILE B 146 -18.42 13.62 -15.31
N SER B 147 -18.82 14.88 -15.41
CA SER B 147 -18.42 15.87 -14.40
C SER B 147 -18.99 15.51 -13.04
N ASN B 148 -20.26 15.11 -13.02
CA ASN B 148 -20.88 14.70 -11.76
C ASN B 148 -20.19 13.50 -11.15
N ILE B 149 -19.96 12.47 -11.98
CA ILE B 149 -19.31 11.25 -11.50
C ILE B 149 -17.91 11.50 -10.99
N LEU B 150 -17.10 12.19 -11.77
CA LEU B 150 -15.70 12.36 -11.40
C LEU B 150 -15.54 13.35 -10.25
N ALA B 151 -16.43 14.34 -10.16
CA ALA B 151 -16.37 15.26 -9.01
C ALA B 151 -16.53 14.46 -7.73
N ASN B 152 -17.44 13.50 -7.77
CA ASN B 152 -17.72 12.64 -6.63
C ASN B 152 -16.55 11.70 -6.30
N VAL B 153 -15.97 11.10 -7.33
CA VAL B 153 -14.80 10.25 -7.14
C VAL B 153 -13.64 11.05 -6.52
N MET B 154 -13.42 12.27 -6.98
CA MET B 154 -12.30 13.05 -6.46
C MET B 154 -12.51 13.33 -4.98
N LEU B 155 -13.70 13.80 -4.63
CA LEU B 155 -13.97 14.17 -3.25
C LEU B 155 -13.92 12.96 -2.32
N ASN B 156 -14.62 11.90 -2.71
CA ASN B 156 -14.85 10.79 -1.81
C ASN B 156 -13.82 9.67 -1.84
N ASP B 157 -13.13 9.50 -2.96
CA ASP B 157 -12.26 8.34 -3.11
C ASP B 157 -10.78 8.65 -3.07
N VAL B 158 -10.37 9.77 -3.64
CA VAL B 158 -8.96 10.06 -3.74
C VAL B 158 -8.37 11.39 -3.26
N SER B 159 -9.19 12.28 -2.75
CA SER B 159 -8.68 13.55 -2.33
C SER B 159 -7.65 13.50 -1.22
N GLY B 160 -7.86 12.56 -0.33
CA GLY B 160 -7.06 12.42 0.87
C GLY B 160 -7.31 13.49 1.94
N GLY B 161 -8.41 14.23 1.81
CA GLY B 161 -8.75 15.31 2.72
C GLY B 161 -9.96 16.07 2.16
N SER B 162 -11.14 15.63 2.56
CA SER B 162 -12.34 16.20 2.01
C SER B 162 -12.52 17.65 2.32
N GLU B 163 -12.20 18.08 3.52
N GLU B 163 -12.21 18.08 3.53
CA GLU B 163 -12.35 19.49 3.88
CA GLU B 163 -12.34 19.49 3.87
C GLU B 163 -11.42 20.37 3.05
C GLU B 163 -11.43 20.34 3.00
N ALA B 164 -10.17 19.92 2.87
CA ALA B 164 -9.21 20.67 2.06
C ALA B 164 -9.65 20.69 0.60
N TRP B 165 -10.17 19.57 0.13
CA TRP B 165 -10.61 19.47 -1.26
C TRP B 165 -11.75 20.48 -1.52
N GLN B 166 -12.75 20.47 -0.65
CA GLN B 166 -13.86 21.39 -0.83
C GLN B 166 -13.41 22.84 -0.68
N ALA B 167 -12.40 23.07 0.17
CA ALA B 167 -11.93 24.42 0.43
C ALA B 167 -11.15 25.01 -0.73
N LEU B 168 -10.88 24.22 -1.77
CA LEU B 168 -10.35 24.81 -3.00
C LEU B 168 -11.27 25.90 -3.52
N GLY B 169 -12.56 25.79 -3.22
CA GLY B 169 -13.49 26.88 -3.50
C GLY B 169 -14.19 26.81 -4.84
N VAL B 170 -15.23 27.63 -4.96
CA VAL B 170 -16.11 27.57 -6.13
C VAL B 170 -15.39 27.88 -7.46
N GLU B 171 -14.46 28.83 -7.47
N GLU B 171 -14.45 28.81 -7.46
CA GLU B 171 -13.79 29.16 -8.72
CA GLU B 171 -13.81 29.17 -8.73
C GLU B 171 -12.99 27.96 -9.24
C GLU B 171 -12.90 28.05 -9.24
N VAL B 172 -12.22 27.34 -8.35
CA VAL B 172 -11.41 26.21 -8.75
C VAL B 172 -12.30 25.03 -9.16
N HIS B 173 -13.33 24.73 -8.37
CA HIS B 173 -14.18 23.60 -8.70
C HIS B 173 -14.98 23.84 -9.96
N ALA B 174 -15.28 25.09 -10.29
CA ALA B 174 -15.96 25.40 -11.55
C ALA B 174 -15.05 25.05 -12.73
N ARG B 175 -13.75 25.32 -12.59
CA ARG B 175 -12.80 24.97 -13.64
C ARG B 175 -12.65 23.44 -13.71
N LEU B 176 -12.56 22.78 -12.57
CA LEU B 176 -12.43 21.33 -12.58
C LEU B 176 -13.64 20.68 -13.24
N HIS B 177 -14.83 21.23 -12.99
CA HIS B 177 -16.07 20.68 -13.53
C HIS B 177 -15.98 20.63 -15.06
N LYS B 178 -15.41 21.68 -15.63
CA LYS B 178 -15.22 21.76 -17.09
C LYS B 178 -14.11 20.83 -17.58
N ASN B 179 -13.11 20.62 -16.74
CA ASN B 179 -11.99 19.75 -17.11
C ASN B 179 -12.30 18.27 -17.12
N TYR B 180 -13.24 17.81 -16.28
CA TYR B 180 -13.42 16.36 -16.14
C TYR B 180 -13.71 15.64 -17.48
N PRO B 181 -14.60 16.20 -18.33
CA PRO B 181 -14.82 15.50 -19.61
C PRO B 181 -13.61 15.54 -20.52
N VAL B 182 -12.83 16.61 -20.47
CA VAL B 182 -11.61 16.69 -21.27
C VAL B 182 -10.63 15.60 -20.83
N TRP B 183 -10.43 15.50 -19.52
CA TRP B 183 -9.59 14.45 -18.99
C TRP B 183 -10.12 13.06 -19.38
N ALA B 184 -11.41 12.84 -19.17
CA ALA B 184 -11.97 11.51 -19.38
C ALA B 184 -11.79 11.04 -20.83
N ARG B 185 -11.98 11.95 -21.77
N ARG B 185 -11.96 11.96 -21.78
CA ARG B 185 -11.93 11.56 -23.18
CA ARG B 185 -11.93 11.59 -23.20
C ARG B 185 -10.48 11.45 -23.68
C ARG B 185 -10.54 11.75 -23.82
N GLY B 186 -9.57 12.13 -23.01
CA GLY B 186 -8.21 12.28 -23.52
C GLY B 186 -7.12 11.48 -22.80
N TYR B 187 -7.37 11.08 -21.56
CA TYR B 187 -6.31 10.54 -20.71
C TYR B 187 -6.37 9.04 -20.36
N PRO B 188 -7.48 8.54 -19.77
CA PRO B 188 -7.35 7.23 -19.13
C PRO B 188 -7.08 6.05 -20.07
N ARG B 189 -7.45 6.15 -21.34
CA ARG B 189 -7.19 5.05 -22.26
C ARG B 189 -5.76 5.04 -22.80
N THR B 190 -5.05 6.18 -22.71
CA THR B 190 -3.74 6.26 -23.33
C THR B 190 -2.60 6.59 -22.36
N ILE B 191 -2.90 7.18 -21.21
CA ILE B 191 -1.82 7.50 -20.28
C ILE B 191 -1.16 6.25 -19.64
N PRO B 192 -1.96 5.30 -19.11
CA PRO B 192 -1.25 4.17 -18.46
C PRO B 192 -0.33 3.34 -19.38
N PRO B 193 -0.73 3.02 -20.63
CA PRO B 193 0.21 2.27 -21.49
C PRO B 193 1.46 3.06 -21.86
N SER B 194 1.45 4.37 -21.67
CA SER B 194 2.62 5.20 -21.99
C SER B 194 3.59 5.32 -20.81
N ALA B 195 3.26 4.69 -19.68
CA ALA B 195 4.10 4.82 -18.49
C ALA B 195 5.56 4.47 -18.80
N PRO B 196 6.48 5.40 -18.50
CA PRO B 196 7.88 5.17 -18.87
C PRO B 196 8.60 4.25 -17.87
N VAL B 197 7.99 3.12 -17.54
CA VAL B 197 8.54 2.17 -16.56
C VAL B 197 8.70 0.74 -17.08
N GLN B 198 8.75 0.57 -18.40
N GLN B 198 8.70 0.58 -18.40
CA GLN B 198 8.91 -0.76 -18.97
CA GLN B 198 8.94 -0.72 -19.00
C GLN B 198 10.33 -1.29 -18.76
C GLN B 198 10.29 -1.26 -18.56
N ASP B 199 11.28 -0.38 -18.61
CA ASP B 199 12.67 -0.77 -18.38
C ASP B 199 13.16 -0.27 -17.03
N VAL B 200 13.16 -1.16 -16.06
CA VAL B 200 13.64 -0.87 -14.72
C VAL B 200 15.11 -0.42 -14.77
N GLU B 201 15.90 -1.01 -15.66
CA GLU B 201 17.30 -0.65 -15.72
C GLU B 201 17.52 0.79 -16.21
N ALA B 202 16.56 1.34 -16.95
CA ALA B 202 16.66 2.73 -17.39
C ALA B 202 16.45 3.70 -16.21
N LEU B 203 15.76 3.24 -15.19
CA LEU B 203 15.49 4.06 -14.02
C LEU B 203 16.64 4.00 -13.01
N ARG B 204 17.40 2.92 -13.04
CA ARG B 204 18.44 2.71 -12.03
C ARG B 204 19.49 3.81 -12.07
N GLY B 205 19.77 4.37 -10.91
CA GLY B 205 20.80 5.40 -10.80
C GLY B 205 20.33 6.81 -11.13
N LYS B 206 19.08 6.95 -11.58
CA LYS B 206 18.55 8.26 -11.96
C LYS B 206 18.12 9.06 -10.75
N PRO B 207 18.17 10.41 -10.85
CA PRO B 207 17.77 11.27 -9.73
C PRO B 207 16.26 11.38 -9.63
N LEU B 208 15.66 10.29 -9.17
CA LEU B 208 14.22 10.13 -9.11
C LEU B 208 13.83 9.81 -7.68
N ASP B 209 12.81 10.49 -7.16
CA ASP B 209 12.28 10.21 -5.83
C ASP B 209 10.79 9.97 -5.98
N TRP B 210 10.35 8.80 -5.54
CA TRP B 210 9.01 8.33 -5.83
C TRP B 210 8.20 8.28 -4.54
N THR B 211 6.95 8.72 -4.59
CA THR B 211 6.08 8.64 -3.43
C THR B 211 4.71 8.07 -3.79
N VAL B 212 4.06 7.51 -2.75
CA VAL B 212 2.67 7.09 -2.78
C VAL B 212 1.98 7.68 -1.53
N GLY B 213 0.66 7.85 -1.57
CA GLY B 213 -0.03 8.37 -0.41
C GLY B 213 -0.15 7.35 0.71
N ALA B 214 0.10 7.79 1.93
CA ALA B 214 0.05 6.91 3.10
C ALA B 214 -1.32 6.27 3.30
N ALA B 215 -2.38 7.02 2.99
CA ALA B 215 -3.74 6.52 3.22
C ALA B 215 -4.33 5.87 1.99
N THR B 216 -3.65 5.97 0.85
CA THR B 216 -4.12 5.33 -0.36
C THR B 216 -4.25 3.83 -0.13
N PRO B 217 -5.35 3.21 -0.57
CA PRO B 217 -5.42 1.74 -0.46
C PRO B 217 -4.21 1.09 -1.13
N THR B 218 -3.66 0.05 -0.49
CA THR B 218 -2.43 -0.55 -0.99
C THR B 218 -2.53 -0.96 -2.46
N GLU B 219 -3.70 -1.45 -2.88
N GLU B 219 -3.69 -1.47 -2.87
CA GLU B 219 -3.83 -1.95 -4.25
CA GLU B 219 -3.84 -1.92 -4.24
C GLU B 219 -3.68 -0.87 -5.33
C GLU B 219 -3.53 -0.85 -5.28
N SER B 220 -3.92 0.39 -4.99
CA SER B 220 -3.95 1.42 -6.04
C SER B 220 -2.61 1.67 -6.70
N PHE B 221 -1.55 1.77 -5.90
CA PHE B 221 -0.21 2.01 -6.46
C PHE B 221 0.83 1.05 -5.91
N PHE B 222 0.35 -0.13 -5.52
CA PHE B 222 1.22 -1.27 -5.21
C PHE B 222 2.33 -1.44 -6.23
N ASP B 223 1.98 -1.35 -7.50
CA ASP B 223 2.94 -1.57 -8.58
C ASP B 223 4.07 -0.56 -8.55
N ASN B 224 3.77 0.68 -8.15
CA ASN B 224 4.79 1.72 -8.04
C ASN B 224 5.87 1.32 -7.04
N ILE B 225 5.43 0.77 -5.89
CA ILE B 225 6.37 0.43 -4.83
C ILE B 225 7.31 -0.70 -5.27
N VAL B 226 6.73 -1.69 -5.94
CA VAL B 226 7.52 -2.79 -6.47
C VAL B 226 8.50 -2.30 -7.55
N THR B 227 8.02 -1.51 -8.50
CA THR B 227 8.88 -1.02 -9.57
C THR B 227 10.02 -0.14 -9.03
N ALA B 228 9.69 0.78 -8.14
CA ALA B 228 10.72 1.65 -7.57
C ALA B 228 11.78 0.83 -6.85
N THR B 229 11.34 -0.15 -6.07
CA THR B 229 12.28 -0.96 -5.31
C THR B 229 13.17 -1.80 -6.24
N LYS B 230 12.59 -2.35 -7.30
CA LYS B 230 13.39 -3.09 -8.28
C LYS B 230 14.47 -2.24 -8.92
N ALA B 231 14.16 -0.96 -9.13
CA ALA B 231 15.07 -0.04 -9.80
C ALA B 231 16.05 0.62 -8.82
N GLY B 232 15.93 0.32 -7.54
CA GLY B 232 16.76 0.95 -6.51
C GLY B 232 16.45 2.43 -6.30
N VAL B 233 15.28 2.86 -6.75
CA VAL B 233 14.86 4.26 -6.66
C VAL B 233 14.27 4.53 -5.28
N ASN B 234 14.60 5.69 -4.71
N ASN B 234 14.60 5.69 -4.71
CA ASN B 234 14.01 6.08 -3.44
CA ASN B 234 14.04 6.08 -3.42
C ASN B 234 12.49 6.03 -3.53
C ASN B 234 12.51 6.11 -3.46
N ILE B 235 11.86 5.36 -2.56
CA ILE B 235 10.41 5.24 -2.55
C ILE B 235 9.93 5.47 -1.12
N GLY B 236 8.93 6.32 -0.97
CA GLY B 236 8.45 6.67 0.35
C GLY B 236 7.01 7.13 0.30
N LEU B 237 6.54 7.68 1.41
CA LEU B 237 5.13 8.05 1.54
C LEU B 237 4.96 9.52 1.84
N LEU B 238 3.88 10.09 1.34
CA LEU B 238 3.41 11.40 1.79
C LEU B 238 2.06 11.21 2.48
N PRO B 239 1.72 12.12 3.39
CA PRO B 239 0.39 12.01 4.00
C PRO B 239 -0.72 12.17 2.97
N GLY B 240 -1.87 11.58 3.26
CA GLY B 240 -3.03 11.71 2.40
C GLY B 240 -3.07 10.67 1.31
N MET B 241 -3.61 11.06 0.15
CA MET B 241 -3.80 10.12 -0.94
C MET B 241 -3.24 10.72 -2.23
N HIS B 242 -4.09 11.09 -3.17
CA HIS B 242 -3.61 11.43 -4.52
C HIS B 242 -3.21 12.89 -4.67
N PHE B 243 -3.57 13.75 -3.73
CA PHE B 243 -3.32 15.18 -3.87
C PHE B 243 -2.65 15.77 -2.63
N PRO B 244 -1.41 15.33 -2.33
CA PRO B 244 -0.79 15.80 -1.09
C PRO B 244 -0.59 17.31 -1.05
N TYR B 245 -0.46 17.94 -2.22
CA TYR B 245 -0.33 19.40 -2.27
C TYR B 245 -1.62 20.12 -1.88
N VAL B 246 -2.76 19.43 -1.98
CA VAL B 246 -4.02 19.98 -1.49
C VAL B 246 -4.27 19.60 -0.03
N SER B 247 -4.15 18.31 0.29
CA SER B 247 -4.53 17.83 1.62
C SER B 247 -3.55 18.24 2.71
N HIS B 248 -2.28 18.31 2.34
CA HIS B 248 -1.20 18.59 3.30
C HIS B 248 -0.15 19.50 2.68
N PRO B 249 -0.53 20.75 2.38
CA PRO B 249 0.35 21.62 1.60
C PRO B 249 1.70 21.94 2.28
N ASP B 250 1.72 22.00 3.61
CA ASP B 250 2.95 22.34 4.32
C ASP B 250 3.94 21.17 4.25
N VAL B 251 3.43 19.96 4.44
CA VAL B 251 4.27 18.76 4.37
C VAL B 251 4.75 18.58 2.94
N PHE B 252 3.85 18.81 1.99
CA PHE B 252 4.22 18.74 0.58
C PHE B 252 5.36 19.70 0.26
N ALA B 253 5.22 20.96 0.69
CA ALA B 253 6.24 21.97 0.43
C ALA B 253 7.57 21.56 1.05
N LYS B 254 7.53 21.03 2.28
CA LYS B 254 8.76 20.64 2.97
C LYS B 254 9.46 19.51 2.21
N TYR B 255 8.68 18.55 1.74
CA TYR B 255 9.21 17.44 0.96
C TYR B 255 9.89 17.93 -0.33
N VAL B 256 9.23 18.83 -1.05
CA VAL B 256 9.79 19.33 -2.29
C VAL B 256 11.09 20.11 -2.01
N VAL B 257 11.08 20.95 -0.98
CA VAL B 257 12.28 21.70 -0.64
C VAL B 257 13.42 20.78 -0.22
N GLU B 258 13.15 19.84 0.69
CA GLU B 258 14.20 18.96 1.19
C GLU B 258 14.78 18.09 0.08
N THR B 259 13.90 17.60 -0.80
CA THR B 259 14.35 16.74 -1.89
C THR B 259 15.19 17.53 -2.89
N THR B 260 14.79 18.76 -3.19
CA THR B 260 15.57 19.60 -4.11
C THR B 260 16.93 19.91 -3.47
N GLN B 261 16.92 20.18 -2.17
CA GLN B 261 18.18 20.50 -1.48
C GLN B 261 19.14 19.32 -1.49
N LYS B 262 18.58 18.12 -1.34
CA LYS B 262 19.38 16.89 -1.37
C LYS B 262 20.10 16.78 -2.70
N HIS B 263 19.39 17.05 -3.79
CA HIS B 263 20.01 16.92 -5.10
C HIS B 263 20.93 18.07 -5.46
N LEU B 264 20.71 19.24 -4.88
CA LEU B 264 21.62 20.35 -5.10
C LEU B 264 22.96 20.04 -4.45
N TRP B 265 22.93 19.36 -3.30
CA TRP B 265 24.16 18.96 -2.63
C TRP B 265 24.89 17.91 -3.47
N ASN B 266 24.12 16.92 -3.92
N ASN B 266 24.14 16.90 -3.91
CA ASN B 266 24.66 15.81 -4.69
CA ASN B 266 24.71 15.81 -4.70
C ASN B 266 25.20 16.26 -6.06
C ASN B 266 25.25 16.29 -6.03
N SER B 267 24.74 17.42 -6.51
CA SER B 267 25.23 17.99 -7.77
C SER B 267 26.65 18.49 -7.63
C1 ZGR C . 1.28 -6.68 16.23
C2 ZGR C . 2.31 -6.35 17.08
C3 ZGR C . 2.81 -5.06 17.14
O2 ZGR C . 2.83 -7.30 17.89
C4 ZGR C . 2.28 -4.08 16.32
O4 ZGR C . 2.77 -2.81 16.36
C5 ZGR C . 1.24 -4.40 15.46
C6 ZGR C . 0.74 -5.69 15.41
O6P ZGR C . -4.71 -6.14 14.46
C6P ZGR C . -3.98 -5.46 15.17
C7P ZGR C . -3.63 -5.91 16.58
C8P ZGR C . -4.33 -7.21 16.98
C9P ZGR C . -3.39 -8.42 16.85
C10 ZGR C . -3.24 -8.89 15.41
O10 ZGR C . -2.21 -9.88 15.36
C11 ZGR C . -4.54 -9.51 14.91
C5P ZGR C . -3.42 -4.15 14.65
C4P ZGR C . -3.10 -4.22 13.15
C3P ZGR C . -1.96 -5.18 12.78
C2P ZGR C . -0.82 -4.95 13.74
C1P ZGR C . -0.38 -5.95 14.49
C12 ZGR C . 0.80 -8.12 16.27
O13 ZGR C . 1.20 -8.84 17.20
O12 ZGR C . 0.20 -8.63 15.29
C1 GOL D . 2.61 -2.56 11.35
O1 GOL D . 1.81 -1.59 10.68
C2 GOL D . 4.03 -2.07 11.56
O2 GOL D . 4.67 -2.93 12.48
C3 GOL D . 4.82 -2.01 10.26
O3 GOL D . 5.12 -3.30 9.76
C1 GOL E . 10.00 -27.16 -1.16
O1 GOL E . 10.16 -26.86 0.21
C2 GOL E . 10.01 -25.85 -1.94
O2 GOL E . 11.21 -25.73 -2.66
C3 GOL E . 8.83 -25.85 -2.90
O3 GOL E . 8.98 -24.77 -3.79
C FMT F . -12.46 -1.89 8.32
O1 FMT F . -13.68 -2.02 8.28
O2 FMT F . -11.66 -2.70 7.83
C FMT G . -14.95 -26.10 20.97
O1 FMT G . -15.17 -24.88 21.04
O2 FMT G . -15.11 -26.79 19.96
C FMT H . 3.46 -35.59 7.14
O1 FMT H . 3.57 -34.37 7.19
O2 FMT H . 3.49 -36.33 8.13
K K I . -14.83 -14.93 -0.35
C1 ZGR J . -5.09 8.35 -14.90
C2 ZGR J . -5.23 7.71 -16.11
C3 ZGR J . -5.71 6.41 -16.18
O2 ZGR J . -4.89 8.38 -17.25
C4 ZGR J . -6.08 5.74 -15.02
O4 ZGR J . -6.55 4.47 -15.09
C5 ZGR J . -5.94 6.38 -13.80
C6 ZGR J . -5.46 7.68 -13.74
O6P ZGR J . -7.77 10.84 -9.86
C6P ZGR J . -8.16 10.05 -10.69
C7P ZGR J . -8.65 10.54 -12.03
C8P ZGR J . -8.44 12.04 -12.20
C9P ZGR J . -7.13 12.40 -12.91
C10 ZGR J . -5.92 12.37 -11.99
O10 ZGR J . -4.76 12.68 -12.76
C11 ZGR J . -6.04 13.39 -10.88
C5P ZGR J . -8.18 8.57 -10.37
C4P ZGR J . -7.09 8.20 -9.37
C3P ZGR J . -5.67 8.14 -9.95
C2P ZGR J . -5.73 7.56 -11.34
C1P ZGR J . -5.37 8.28 -12.39
C12 ZGR J . -4.56 9.77 -14.93
O13 ZGR J . -4.49 10.37 -16.02
O12 ZGR J . -4.03 10.29 -13.92
C1 GOL K . -3.73 3.20 -10.98
O1 GOL K . -4.32 2.67 -9.81
C2 GOL K . -3.31 2.07 -11.91
O2 GOL K . -3.02 2.64 -13.17
C3 GOL K . -2.09 1.31 -11.36
O3 GOL K . -0.92 2.09 -11.41
C1 GOL L . -11.16 23.73 -25.84
O1 GOL L . -9.86 24.15 -25.51
C2 GOL L . -11.37 22.33 -25.28
O2 GOL L . -10.56 22.17 -24.13
C3 GOL L . -12.83 22.16 -24.90
O3 GOL L . -13.09 20.80 -24.66
K K M . 0.22 20.31 5.88
#